data_5EVC
#
_entry.id   5EVC
#
_cell.length_a   85.328
_cell.length_b   85.328
_cell.length_c   113.997
_cell.angle_alpha   90.00
_cell.angle_beta   90.00
_cell.angle_gamma   120.00
#
_symmetry.space_group_name_H-M   'P 65'
#
loop_
_entity.id
_entity.type
_entity.pdbx_description
1 polymer 'Putative aspartate racemase'
2 non-polymer 'POTASSIUM ION'
3 non-polymer 'SULFATE ION'
4 non-polymer GLYCEROL
5 non-polymer 'FORMIC ACID'
6 non-polymer 'CHLORIDE ION'
7 non-polymer 'FLUORIDE ION'
8 water water
#
_entity_poly.entity_id   1
_entity_poly.type   'polypeptide(L)'
_entity_poly.pdbx_seq_one_letter_code
;MHHHHHHSSGVDLGTENLYFQSNAMKHTIGILGGMGPAATADMLEKFVELRHASCDQQHIPLIVSSIPDIPDRTACLLSG
GPSPYRYLERYLHMLEDAGAECIVIPCNTAHYWFDDLQNVAKARMISILDATLGDIPPSARHVGLLATNATLATGLYQKK
ALARGLTLIQPEDAGQALVMQAIYTLKRGDKTAAQALLLPQIDSLIARGAQAIIMGCTEIPLIVAGHERAIACPMIDSTA
SLVRAAIRWYESWPDTRASLTGEQRLTA
;
_entity_poly.pdbx_strand_id   A,B
#
loop_
_chem_comp.id
_chem_comp.type
_chem_comp.name
_chem_comp.formula
CL non-polymer 'CHLORIDE ION' 'Cl -1'
F non-polymer 'FLUORIDE ION' 'F -1'
FMT non-polymer 'FORMIC ACID' 'C H2 O2'
GOL non-polymer GLYCEROL 'C3 H8 O3'
K non-polymer 'POTASSIUM ION' 'K 1'
SO4 non-polymer 'SULFATE ION' 'O4 S -2'
#
# COMPACT_ATOMS: atom_id res chain seq x y z
N GLN A 21 18.79 13.94 8.56
CA GLN A 21 17.79 14.00 9.63
C GLN A 21 17.13 12.63 9.84
N SER A 22 17.19 12.13 11.07
CA SER A 22 16.73 10.78 11.34
C SER A 22 15.21 10.67 11.14
N ASN A 23 14.75 9.44 10.89
CA ASN A 23 13.32 9.20 10.72
C ASN A 23 12.55 9.55 11.98
N ALA A 24 13.18 9.41 13.15
CA ALA A 24 12.52 9.80 14.39
C ALA A 24 12.36 11.31 14.47
N MET A 25 13.36 12.07 14.02
CA MET A 25 13.24 13.52 13.99
C MET A 25 12.15 13.99 13.03
N LYS A 26 11.92 13.23 11.96
CA LYS A 26 10.92 13.57 10.95
C LYS A 26 9.53 13.07 11.28
N HIS A 27 9.35 12.46 12.47
CA HIS A 27 8.04 12.02 12.95
C HIS A 27 7.46 10.93 12.05
N THR A 28 8.32 10.01 11.63
CA THR A 28 7.91 8.92 10.76
C THR A 28 6.88 8.02 11.45
N ILE A 29 5.85 7.61 10.70
CA ILE A 29 4.81 6.74 11.21
C ILE A 29 5.11 5.33 10.75
N GLY A 30 5.00 4.35 11.65
CA GLY A 30 5.18 2.96 11.30
C GLY A 30 3.84 2.25 11.24
N ILE A 31 3.63 1.49 10.17
N ILE A 31 3.66 1.47 10.18
CA ILE A 31 2.40 0.72 9.99
CA ILE A 31 2.46 0.68 9.94
C ILE A 31 2.74 -0.73 10.30
C ILE A 31 2.79 -0.75 10.33
N LEU A 32 2.15 -1.26 11.37
CA LEU A 32 2.34 -2.66 11.79
C LEU A 32 1.20 -3.45 11.16
N GLY A 33 1.42 -3.92 9.93
CA GLY A 33 0.33 -4.47 9.15
C GLY A 33 0.54 -5.92 8.77
N GLY A 34 0.14 -6.27 7.54
CA GLY A 34 0.17 -7.67 7.13
C GLY A 34 -0.98 -8.47 7.68
N MET A 35 -2.03 -7.81 8.14
CA MET A 35 -3.15 -8.47 8.82
C MET A 35 -4.52 -8.02 8.33
N GLY A 36 -4.87 -8.29 7.07
CA GLY A 36 -3.99 -8.93 6.12
C GLY A 36 -3.32 -7.94 5.15
N PRO A 37 -2.58 -8.47 4.18
CA PRO A 37 -1.85 -7.58 3.25
C PRO A 37 -2.73 -6.63 2.46
N ALA A 38 -3.88 -7.09 1.95
CA ALA A 38 -4.73 -6.19 1.18
C ALA A 38 -5.17 -5.00 2.03
N ALA A 39 -5.54 -5.27 3.28
CA ALA A 39 -5.95 -4.20 4.18
C ALA A 39 -4.82 -3.20 4.44
N THR A 40 -3.58 -3.69 4.50
CA THR A 40 -2.43 -2.82 4.69
C THR A 40 -2.20 -1.94 3.46
N ALA A 41 -2.33 -2.50 2.26
CA ALA A 41 -2.23 -1.70 1.04
C ALA A 41 -3.34 -0.65 1.00
N ASP A 42 -4.55 -1.03 1.44
CA ASP A 42 -5.65 -0.08 1.52
C ASP A 42 -5.33 1.09 2.45
N MET A 43 -4.69 0.79 3.59
CA MET A 43 -4.30 1.87 4.50
C MET A 43 -3.33 2.83 3.84
N LEU A 44 -2.33 2.30 3.12
CA LEU A 44 -1.42 3.15 2.36
C LEU A 44 -2.16 4.03 1.37
N GLU A 45 -3.09 3.44 0.60
CA GLU A 45 -3.93 4.22 -0.30
C GLU A 45 -4.59 5.39 0.41
N LYS A 46 -5.12 5.12 1.60
CA LYS A 46 -5.86 6.12 2.33
C LYS A 46 -4.94 7.18 2.95
N PHE A 47 -3.69 6.83 3.29
CA PHE A 47 -2.73 7.85 3.69
C PHE A 47 -2.49 8.86 2.58
N VAL A 48 -2.48 8.40 1.32
N VAL A 48 -2.51 8.43 1.32
CA VAL A 48 -2.33 9.32 0.20
CA VAL A 48 -2.30 9.39 0.24
C VAL A 48 -3.58 10.19 0.07
C VAL A 48 -3.58 10.10 -0.15
N GLU A 49 -4.74 9.56 0.11
N GLU A 49 -4.74 9.50 0.12
CA GLU A 49 -5.98 10.27 -0.21
CA GLU A 49 -6.01 10.16 -0.17
C GLU A 49 -6.37 11.27 0.87
C GLU A 49 -6.34 11.24 0.86
N LEU A 50 -6.11 10.93 2.13
CA LEU A 50 -6.55 11.77 3.24
C LEU A 50 -5.54 12.85 3.64
N ARG A 51 -4.31 12.78 3.18
CA ARG A 51 -3.32 13.81 3.46
C ARG A 51 -3.34 14.83 2.32
N HIS A 52 -3.57 16.09 2.64
CA HIS A 52 -3.50 17.15 1.64
C HIS A 52 -2.03 17.39 1.32
N ALA A 53 -1.63 17.07 0.09
CA ALA A 53 -0.26 17.25 -0.34
C ALA A 53 -0.25 17.78 -1.77
N SER A 54 0.65 18.71 -2.06
CA SER A 54 0.77 19.29 -3.39
C SER A 54 1.76 18.54 -4.28
N CYS A 55 2.54 17.63 -3.70
CA CYS A 55 3.58 16.92 -4.42
C CYS A 55 3.99 15.73 -3.57
N ASP A 56 4.81 14.85 -4.17
CA ASP A 56 5.36 13.70 -3.46
C ASP A 56 5.87 14.10 -2.09
N GLN A 57 6.66 15.18 -2.04
CA GLN A 57 7.46 15.51 -0.87
C GLN A 57 6.64 16.05 0.30
N GLN A 58 5.36 16.35 0.10
CA GLN A 58 4.48 16.78 1.18
C GLN A 58 3.72 15.63 1.82
N HIS A 59 3.93 14.39 1.38
CA HIS A 59 3.16 13.30 1.96
C HIS A 59 3.82 12.79 3.25
N ILE A 60 3.07 11.98 3.98
CA ILE A 60 3.47 11.50 5.30
C ILE A 60 4.65 10.53 5.17
N PRO A 61 5.71 10.69 5.95
CA PRO A 61 6.75 9.64 6.02
C PRO A 61 6.25 8.38 6.72
N LEU A 62 6.32 7.26 6.02
CA LEU A 62 5.76 6.00 6.46
C LEU A 62 6.76 4.87 6.25
N ILE A 63 6.89 4.01 7.26
CA ILE A 63 7.56 2.71 7.13
C ILE A 63 6.52 1.63 7.41
N VAL A 64 6.45 0.62 6.54
CA VAL A 64 5.36 -0.37 6.59
C VAL A 64 5.96 -1.75 6.84
N SER A 65 5.45 -2.44 7.86
CA SER A 65 5.66 -3.87 8.04
C SER A 65 4.45 -4.57 7.46
N SER A 66 4.58 -5.14 6.27
CA SER A 66 3.55 -6.03 5.73
C SER A 66 4.10 -7.45 5.68
N ILE A 67 4.41 -7.98 6.86
CA ILE A 67 4.98 -9.31 7.02
C ILE A 67 3.86 -10.18 7.56
N PRO A 68 3.18 -10.97 6.71
CA PRO A 68 1.90 -11.58 7.08
C PRO A 68 1.99 -12.94 7.76
N ASP A 69 3.19 -13.40 8.13
CA ASP A 69 3.28 -14.69 8.81
C ASP A 69 2.75 -14.64 10.24
N ILE A 70 2.32 -13.47 10.70
CA ILE A 70 1.63 -13.31 11.98
C ILE A 70 0.49 -14.33 12.05
N PRO A 71 0.44 -15.19 13.08
CA PRO A 71 -0.60 -16.21 13.12
C PRO A 71 -1.99 -15.61 13.15
N ASP A 72 -2.95 -16.39 12.61
CA ASP A 72 -4.35 -16.01 12.57
C ASP A 72 -4.84 -15.56 13.95
N ARG A 73 -5.47 -14.39 13.99
CA ARG A 73 -5.83 -13.79 15.28
C ARG A 73 -7.02 -14.50 15.91
N THR A 74 -8.05 -14.81 15.13
CA THR A 74 -9.21 -15.52 15.64
C THR A 74 -8.85 -16.95 16.03
N ALA A 75 -8.00 -17.61 15.22
CA ALA A 75 -7.56 -18.95 15.58
C ALA A 75 -6.91 -18.98 16.95
N CYS A 76 -6.14 -17.93 17.26
CA CYS A 76 -5.49 -17.89 18.57
C CYS A 76 -6.51 -17.66 19.68
N LEU A 77 -7.33 -16.62 19.54
CA LEU A 77 -8.17 -16.19 20.65
C LEU A 77 -9.30 -17.18 20.93
N LEU A 78 -9.81 -17.86 19.90
CA LEU A 78 -10.97 -18.71 20.06
C LEU A 78 -10.66 -20.20 20.00
N SER A 79 -9.53 -20.60 19.41
CA SER A 79 -9.17 -22.01 19.35
C SER A 79 -7.85 -22.32 20.01
N GLY A 80 -7.18 -21.36 20.63
CA GLY A 80 -5.90 -21.64 21.23
C GLY A 80 -4.78 -21.89 20.24
N GLY A 81 -4.91 -21.40 19.01
CA GLY A 81 -3.86 -21.49 18.04
C GLY A 81 -2.69 -20.63 18.47
N PRO A 82 -1.57 -20.75 17.77
CA PRO A 82 -0.38 -19.96 18.11
C PRO A 82 -0.68 -18.46 18.21
N SER A 83 -0.06 -17.82 19.20
CA SER A 83 -0.37 -16.43 19.48
C SER A 83 0.44 -15.51 18.56
N PRO A 84 -0.20 -14.45 18.05
CA PRO A 84 0.54 -13.47 17.25
C PRO A 84 1.40 -12.53 18.07
N TYR A 85 1.36 -12.59 19.40
CA TYR A 85 1.97 -11.53 20.20
C TYR A 85 3.46 -11.38 19.92
N ARG A 86 4.20 -12.50 19.91
CA ARG A 86 5.65 -12.38 19.71
C ARG A 86 6.00 -11.82 18.34
N TYR A 87 5.17 -12.11 17.34
CA TYR A 87 5.37 -11.54 16.01
C TYR A 87 5.09 -10.04 16.02
N LEU A 88 3.95 -9.63 16.59
CA LEU A 88 3.64 -8.22 16.69
C LEU A 88 4.73 -7.48 17.44
N GLU A 89 5.20 -8.05 18.56
CA GLU A 89 6.26 -7.41 19.33
C GLU A 89 7.53 -7.26 18.49
N ARG A 90 7.88 -8.31 17.76
CA ARG A 90 9.10 -8.29 16.96
C ARG A 90 9.03 -7.21 15.89
N TYR A 91 7.92 -7.16 15.16
CA TYR A 91 7.81 -6.21 14.06
C TYR A 91 7.62 -4.79 14.58
N LEU A 92 7.01 -4.63 15.77
N LEU A 92 7.05 -4.63 15.79
CA LEU A 92 6.98 -3.34 16.44
CA LEU A 92 6.99 -3.30 16.40
C LEU A 92 8.39 -2.80 16.60
C LEU A 92 8.38 -2.77 16.67
N HIS A 93 9.27 -3.61 17.21
CA HIS A 93 10.64 -3.18 17.45
C HIS A 93 11.38 -2.93 16.14
N MET A 94 11.09 -3.74 15.12
CA MET A 94 11.66 -3.49 13.80
C MET A 94 11.32 -2.08 13.32
N LEU A 95 10.05 -1.69 13.47
CA LEU A 95 9.61 -0.37 13.02
C LEU A 95 10.23 0.74 13.86
N GLU A 96 10.28 0.57 15.18
CA GLU A 96 10.93 1.56 16.03
C GLU A 96 12.40 1.72 15.66
N ASP A 97 13.09 0.60 15.43
CA ASP A 97 14.51 0.67 15.12
C ASP A 97 14.77 1.35 13.79
N ALA A 98 13.82 1.24 12.85
CA ALA A 98 13.90 1.94 11.58
C ALA A 98 13.57 3.42 11.70
N GLY A 99 13.03 3.85 12.83
CA GLY A 99 12.79 5.25 13.05
C GLY A 99 11.34 5.67 13.23
N ALA A 100 10.42 4.72 13.34
CA ALA A 100 9.01 5.09 13.55
C ALA A 100 8.82 5.68 14.94
N GLU A 101 8.18 6.84 14.99
CA GLU A 101 7.89 7.52 16.24
C GLU A 101 6.45 7.31 16.68
N CYS A 102 5.60 6.84 15.77
CA CYS A 102 4.21 6.55 16.04
C CYS A 102 3.87 5.27 15.30
N ILE A 103 3.09 4.39 15.93
CA ILE A 103 2.75 3.09 15.37
C ILE A 103 1.23 2.96 15.30
N VAL A 104 0.75 2.50 14.14
CA VAL A 104 -0.66 2.19 13.94
C VAL A 104 -0.76 0.78 13.38
N ILE A 105 -1.82 0.08 13.78
CA ILE A 105 -2.03 -1.32 13.46
C ILE A 105 -3.33 -1.45 12.68
N PRO A 106 -3.28 -1.64 11.35
CA PRO A 106 -4.51 -1.81 10.55
C PRO A 106 -5.11 -3.20 10.67
N CYS A 107 -5.46 -3.57 11.91
CA CYS A 107 -6.15 -4.84 12.19
C CYS A 107 -6.89 -4.67 13.51
N ASN A 108 -8.22 -4.81 13.49
CA ASN A 108 -8.99 -4.64 14.71
C ASN A 108 -8.75 -5.77 15.71
N THR A 109 -8.79 -7.04 15.25
CA THR A 109 -8.63 -8.16 16.18
C THR A 109 -7.30 -8.06 16.92
N ALA A 110 -6.25 -7.58 16.25
CA ALA A 110 -4.94 -7.48 16.87
C ALA A 110 -4.93 -6.53 18.05
N HIS A 111 -5.94 -5.68 18.18
CA HIS A 111 -5.97 -4.77 19.33
C HIS A 111 -6.30 -5.46 20.64
N TYR A 112 -6.61 -6.76 20.62
CA TYR A 112 -6.60 -7.52 21.85
C TYR A 112 -5.27 -7.35 22.58
N TRP A 113 -4.17 -7.20 21.83
CA TRP A 113 -2.83 -7.06 22.37
C TRP A 113 -2.34 -5.62 22.41
N PHE A 114 -3.23 -4.63 22.20
CA PHE A 114 -2.78 -3.25 22.10
C PHE A 114 -2.09 -2.77 23.39
N ASP A 115 -2.70 -3.06 24.55
CA ASP A 115 -2.11 -2.58 25.80
C ASP A 115 -0.77 -3.25 26.07
N ASP A 116 -0.64 -4.53 25.74
CA ASP A 116 0.62 -5.23 25.91
C ASP A 116 1.71 -4.63 25.04
N LEU A 117 1.38 -4.38 23.77
CA LEU A 117 2.35 -3.74 22.88
C LEU A 117 2.71 -2.35 23.37
N GLN A 118 1.71 -1.57 23.77
CA GLN A 118 1.96 -0.21 24.23
C GLN A 118 2.87 -0.20 25.44
N ASN A 119 2.80 -1.23 26.28
N ASN A 119 2.81 -1.24 26.27
CA ASN A 119 3.70 -1.34 27.42
CA ASN A 119 3.70 -1.30 27.42
C ASN A 119 5.15 -1.39 26.98
C ASN A 119 5.16 -1.40 27.00
N VAL A 120 5.46 -2.23 25.98
CA VAL A 120 6.84 -2.42 25.53
C VAL A 120 7.25 -1.44 24.43
N ALA A 121 6.36 -0.53 24.02
CA ALA A 121 6.64 0.37 22.91
C ALA A 121 7.30 1.65 23.39
N LYS A 122 8.34 2.07 22.67
CA LYS A 122 8.87 3.41 22.86
C LYS A 122 8.10 4.46 22.06
N ALA A 123 7.61 4.09 20.89
CA ALA A 123 6.84 5.00 20.05
C ALA A 123 5.42 5.18 20.58
N ARG A 124 4.82 6.31 20.24
N ARG A 124 4.81 6.32 20.25
CA ARG A 124 3.39 6.49 20.48
CA ARG A 124 3.39 6.50 20.51
C ARG A 124 2.61 5.42 19.72
C ARG A 124 2.58 5.50 19.70
N MET A 125 1.50 5.01 20.28
CA MET A 125 0.60 4.09 19.59
C MET A 125 -0.81 4.68 19.61
N ILE A 126 -1.53 4.51 18.51
CA ILE A 126 -2.87 5.07 18.34
C ILE A 126 -3.83 3.90 18.08
N SER A 127 -4.85 3.77 18.93
CA SER A 127 -5.78 2.65 18.84
C SER A 127 -6.75 2.82 17.67
N ILE A 128 -6.94 1.76 16.90
CA ILE A 128 -7.97 1.78 15.86
C ILE A 128 -9.36 1.86 16.49
N LEU A 129 -9.51 1.33 17.70
CA LEU A 129 -10.81 1.35 18.34
C LEU A 129 -11.22 2.77 18.72
N ASP A 130 -10.34 3.50 19.40
CA ASP A 130 -10.68 4.88 19.78
C ASP A 130 -10.90 5.76 18.55
N ALA A 131 -10.04 5.62 17.54
CA ALA A 131 -10.17 6.45 16.35
C ALA A 131 -11.50 6.21 15.66
N THR A 132 -11.91 4.94 15.56
CA THR A 132 -13.14 4.59 14.85
C THR A 132 -14.35 5.13 15.59
N LEU A 133 -14.44 4.89 16.89
CA LEU A 133 -15.58 5.38 17.67
C LEU A 133 -15.67 6.90 17.63
N GLY A 134 -14.54 7.60 17.56
CA GLY A 134 -14.55 9.05 17.48
C GLY A 134 -15.10 9.61 16.17
N ASP A 135 -15.19 8.79 15.14
CA ASP A 135 -15.70 9.22 13.84
C ASP A 135 -17.15 8.83 13.62
N ILE A 136 -17.86 8.44 14.67
CA ILE A 136 -19.28 8.13 14.58
C ILE A 136 -20.06 9.41 14.83
N PRO A 137 -21.01 9.78 13.99
CA PRO A 137 -21.82 10.97 14.27
C PRO A 137 -22.49 10.85 15.64
N PRO A 138 -22.55 11.94 16.40
CA PRO A 138 -23.08 11.85 17.77
C PRO A 138 -24.54 11.46 17.83
N SER A 139 -25.31 11.64 16.75
CA SER A 139 -26.71 11.24 16.75
C SER A 139 -26.90 9.75 16.53
N ALA A 140 -25.89 9.04 16.04
CA ALA A 140 -25.98 7.59 15.85
C ALA A 140 -25.69 6.91 17.18
N ARG A 141 -26.75 6.59 17.92
CA ARG A 141 -26.61 5.91 19.19
C ARG A 141 -26.70 4.40 19.07
N HIS A 142 -27.33 3.90 18.00
CA HIS A 142 -27.52 2.48 17.75
C HIS A 142 -26.68 2.13 16.53
N VAL A 143 -25.64 1.33 16.73
CA VAL A 143 -24.56 1.22 15.77
C VAL A 143 -24.27 -0.24 15.50
N GLY A 144 -24.43 -0.65 14.24
CA GLY A 144 -24.02 -2.00 13.84
C GLY A 144 -22.51 -2.18 13.91
N LEU A 145 -22.09 -3.44 14.10
CA LEU A 145 -20.67 -3.78 14.20
C LEU A 145 -20.39 -4.97 13.29
N LEU A 146 -19.58 -4.74 12.26
CA LEU A 146 -19.08 -5.80 11.39
C LEU A 146 -17.63 -6.08 11.78
N ALA A 147 -17.35 -7.31 12.24
CA ALA A 147 -16.02 -7.62 12.74
C ALA A 147 -15.81 -9.13 12.74
N THR A 148 -14.58 -9.54 13.05
CA THR A 148 -14.28 -10.96 13.18
C THR A 148 -14.97 -11.57 14.40
N ASN A 149 -15.11 -12.89 14.37
CA ASN A 149 -15.66 -13.60 15.53
C ASN A 149 -14.91 -13.27 16.82
N ALA A 150 -13.58 -13.14 16.75
CA ALA A 150 -12.81 -12.91 17.96
C ALA A 150 -12.93 -11.47 18.44
N THR A 151 -13.06 -10.51 17.52
CA THR A 151 -13.27 -9.13 17.97
C THR A 151 -14.57 -9.02 18.74
N LEU A 152 -15.62 -9.71 18.28
CA LEU A 152 -16.89 -9.71 18.99
C LEU A 152 -16.78 -10.47 20.31
N ALA A 153 -16.18 -11.67 20.27
CA ALA A 153 -16.16 -12.54 21.43
C ALA A 153 -15.37 -11.94 22.59
N THR A 154 -14.25 -11.29 22.29
CA THR A 154 -13.42 -10.68 23.32
C THR A 154 -13.89 -9.28 23.68
N GLY A 155 -14.93 -8.78 23.01
CA GLY A 155 -15.55 -7.49 23.33
C GLY A 155 -14.66 -6.27 23.19
N LEU A 156 -13.78 -6.25 22.17
CA LEU A 156 -12.82 -5.16 22.05
C LEU A 156 -13.52 -3.79 21.99
N TYR A 157 -14.71 -3.71 21.41
CA TYR A 157 -15.43 -2.45 21.27
C TYR A 157 -16.41 -2.15 22.41
N GLN A 158 -16.69 -3.12 23.29
CA GLN A 158 -17.84 -3.03 24.19
C GLN A 158 -17.65 -1.97 25.27
N LYS A 159 -16.52 -2.02 25.99
CA LYS A 159 -16.34 -1.09 27.10
C LYS A 159 -16.20 0.34 26.58
N LYS A 160 -15.50 0.52 25.48
CA LYS A 160 -15.38 1.84 24.88
C LYS A 160 -16.72 2.33 24.36
N ALA A 161 -17.51 1.44 23.76
CA ALA A 161 -18.86 1.83 23.32
C ALA A 161 -19.73 2.22 24.50
N LEU A 162 -19.66 1.46 25.60
CA LEU A 162 -20.46 1.77 26.77
C LEU A 162 -20.06 3.12 27.36
N ALA A 163 -18.77 3.45 27.35
CA ALA A 163 -18.33 4.75 27.87
C ALA A 163 -18.90 5.90 27.05
N ARG A 164 -19.09 5.70 25.75
N ARG A 164 -19.12 5.68 25.77
CA ARG A 164 -19.64 6.74 24.90
CA ARG A 164 -19.63 6.70 24.87
C ARG A 164 -21.16 6.75 24.84
C ARG A 164 -21.14 6.63 24.71
N GLY A 165 -21.81 5.80 25.49
CA GLY A 165 -23.26 5.74 25.46
C GLY A 165 -23.84 5.09 24.22
N LEU A 166 -23.09 4.20 23.58
CA LEU A 166 -23.51 3.56 22.35
C LEU A 166 -24.06 2.17 22.62
N THR A 167 -25.00 1.76 21.78
CA THR A 167 -25.50 0.39 21.74
C THR A 167 -24.99 -0.27 20.48
N LEU A 168 -24.21 -1.33 20.63
CA LEU A 168 -23.70 -2.10 19.49
C LEU A 168 -24.73 -3.13 19.05
N ILE A 169 -24.91 -3.24 17.73
CA ILE A 169 -25.77 -4.23 17.11
C ILE A 169 -24.87 -5.16 16.32
N GLN A 170 -24.77 -6.41 16.74
CA GLN A 170 -23.99 -7.36 15.98
C GLN A 170 -24.90 -8.38 15.30
N PRO A 171 -24.47 -8.98 14.20
CA PRO A 171 -25.31 -9.97 13.53
C PRO A 171 -25.56 -11.17 14.44
N GLU A 172 -26.72 -11.79 14.25
CA GLU A 172 -26.97 -13.05 14.93
C GLU A 172 -26.02 -14.12 14.40
N ASP A 173 -25.98 -15.26 15.11
CA ASP A 173 -24.95 -16.28 14.86
C ASP A 173 -24.90 -16.70 13.40
N ALA A 174 -26.06 -16.95 12.78
CA ALA A 174 -26.09 -17.34 11.38
C ALA A 174 -25.50 -16.25 10.49
N GLY A 175 -25.93 -15.01 10.69
CA GLY A 175 -25.39 -13.92 9.91
C GLY A 175 -23.92 -13.70 10.17
N GLN A 176 -23.47 -13.90 11.41
CA GLN A 176 -22.07 -13.64 11.73
C GLN A 176 -21.16 -14.65 11.06
N ALA A 177 -21.56 -15.92 10.98
CA ALA A 177 -20.78 -16.89 10.20
C ALA A 177 -20.59 -16.42 8.75
N LEU A 178 -21.61 -15.77 8.19
CA LEU A 178 -21.50 -15.28 6.82
C LEU A 178 -20.62 -14.04 6.75
N VAL A 179 -20.63 -13.20 7.79
CA VAL A 179 -19.71 -12.07 7.84
C VAL A 179 -18.27 -12.58 7.91
N MET A 180 -18.01 -13.54 8.81
CA MET A 180 -16.69 -14.12 8.93
C MET A 180 -16.26 -14.76 7.60
N GLN A 181 -17.18 -15.43 6.92
CA GLN A 181 -16.88 -16.00 5.61
C GLN A 181 -16.49 -14.93 4.61
N ALA A 182 -17.21 -13.81 4.59
CA ALA A 182 -16.88 -12.73 3.66
C ALA A 182 -15.48 -12.20 3.89
N ILE A 183 -15.10 -12.00 5.16
CA ILE A 183 -13.76 -11.52 5.48
C ILE A 183 -12.71 -12.48 4.95
N TYR A 184 -12.90 -13.79 5.21
CA TYR A 184 -11.89 -14.76 4.79
C TYR A 184 -11.90 -14.96 3.28
N THR A 185 -13.07 -14.77 2.64
CA THR A 185 -13.13 -14.82 1.18
C THR A 185 -12.35 -13.67 0.57
N LEU A 186 -12.44 -12.48 1.16
CA LEU A 186 -11.61 -11.37 0.73
C LEU A 186 -10.13 -11.67 0.98
N LYS A 187 -9.80 -12.25 2.14
CA LYS A 187 -8.41 -12.60 2.43
C LYS A 187 -7.85 -13.63 1.44
N ARG A 188 -8.71 -14.45 0.83
CA ARG A 188 -8.30 -15.37 -0.22
C ARG A 188 -8.27 -14.73 -1.60
N GLY A 189 -8.80 -13.52 -1.74
CA GLY A 189 -8.69 -12.78 -2.98
C GLY A 189 -9.93 -12.75 -3.85
N ASP A 190 -11.11 -13.03 -3.30
CA ASP A 190 -12.35 -13.06 -4.08
C ASP A 190 -13.29 -11.96 -3.58
N LYS A 191 -13.07 -10.73 -4.05
CA LYS A 191 -13.91 -9.62 -3.61
C LYS A 191 -15.36 -9.80 -4.02
N THR A 192 -15.60 -10.28 -5.26
CA THR A 192 -16.97 -10.42 -5.74
C THR A 192 -17.77 -11.38 -4.87
N ALA A 193 -17.16 -12.51 -4.48
CA ALA A 193 -17.87 -13.45 -3.61
C ALA A 193 -18.08 -12.87 -2.22
N ALA A 194 -17.08 -12.16 -1.71
CA ALA A 194 -17.18 -11.55 -0.39
C ALA A 194 -18.34 -10.55 -0.32
N GLN A 195 -18.52 -9.77 -1.38
CA GLN A 195 -19.63 -8.82 -1.41
C GLN A 195 -20.97 -9.53 -1.38
N ALA A 196 -21.09 -10.63 -2.14
CA ALA A 196 -22.33 -11.40 -2.15
C ALA A 196 -22.66 -11.93 -0.76
N LEU A 197 -21.64 -12.23 0.03
CA LEU A 197 -21.89 -12.68 1.40
C LEU A 197 -22.21 -11.51 2.31
N LEU A 198 -21.49 -10.40 2.16
CA LEU A 198 -21.56 -9.35 3.16
C LEU A 198 -22.80 -8.49 3.00
N LEU A 199 -23.15 -8.11 1.78
CA LEU A 199 -24.17 -7.08 1.59
C LEU A 199 -25.51 -7.44 2.23
N PRO A 200 -26.00 -8.69 2.18
CA PRO A 200 -27.24 -9.01 2.92
C PRO A 200 -27.12 -8.81 4.42
N GLN A 201 -25.92 -8.95 5.00
CA GLN A 201 -25.79 -8.74 6.44
C GLN A 201 -25.84 -7.26 6.77
N ILE A 202 -25.40 -6.40 5.86
CA ILE A 202 -25.54 -4.96 6.04
C ILE A 202 -27.01 -4.56 6.02
N ASP A 203 -27.76 -5.06 5.05
CA ASP A 203 -29.19 -4.77 5.00
C ASP A 203 -29.89 -5.23 6.27
N SER A 204 -29.48 -6.37 6.82
CA SER A 204 -30.08 -6.89 8.04
C SER A 204 -29.83 -5.95 9.21
N LEU A 205 -28.58 -5.52 9.41
CA LEU A 205 -28.28 -4.58 10.48
C LEU A 205 -29.09 -3.29 10.32
N ILE A 206 -29.26 -2.82 9.09
CA ILE A 206 -30.09 -1.63 8.87
C ILE A 206 -31.55 -1.92 9.20
N ALA A 207 -32.06 -3.06 8.72
CA ALA A 207 -33.44 -3.45 8.99
C ALA A 207 -33.70 -3.57 10.49
N ARG A 208 -32.67 -3.94 11.26
CA ARG A 208 -32.79 -4.06 12.71
C ARG A 208 -32.60 -2.74 13.43
N GLY A 209 -32.30 -1.66 12.71
CA GLY A 209 -32.26 -0.34 13.27
C GLY A 209 -30.89 0.29 13.46
N ALA A 210 -29.86 -0.20 12.77
CA ALA A 210 -28.56 0.45 12.82
C ALA A 210 -28.64 1.85 12.24
N GLN A 211 -28.07 2.82 12.96
CA GLN A 211 -28.01 4.20 12.51
C GLN A 211 -26.68 4.54 11.88
N ALA A 212 -25.70 3.64 12.03
CA ALA A 212 -24.42 3.66 11.39
C ALA A 212 -23.90 2.23 11.54
N ILE A 213 -22.91 1.87 10.73
CA ILE A 213 -22.33 0.53 10.84
C ILE A 213 -20.82 0.66 10.87
N ILE A 214 -20.21 0.17 11.94
CA ILE A 214 -18.76 0.18 12.08
C ILE A 214 -18.19 -0.92 11.19
N MET A 215 -17.32 -0.55 10.26
CA MET A 215 -16.56 -1.53 9.51
C MET A 215 -15.35 -1.85 10.38
N GLY A 216 -15.58 -2.75 11.34
CA GLY A 216 -14.67 -3.05 12.43
C GLY A 216 -13.75 -4.23 12.20
N CYS A 217 -13.49 -4.50 10.92
CA CYS A 217 -12.45 -5.40 10.43
C CYS A 217 -11.91 -4.74 9.18
N THR A 218 -10.58 -4.66 9.05
CA THR A 218 -10.00 -3.82 8.00
C THR A 218 -10.15 -4.42 6.60
N GLU A 219 -10.67 -5.65 6.47
CA GLU A 219 -11.03 -6.14 5.15
C GLU A 219 -12.42 -5.70 4.73
N ILE A 220 -13.28 -5.32 5.69
CA ILE A 220 -14.65 -4.91 5.35
C ILE A 220 -14.67 -3.71 4.42
N PRO A 221 -13.86 -2.65 4.60
CA PRO A 221 -13.91 -1.52 3.66
C PRO A 221 -13.59 -1.93 2.24
N LEU A 222 -12.68 -2.90 2.06
CA LEU A 222 -12.35 -3.38 0.72
C LEU A 222 -13.51 -4.12 0.07
N ILE A 223 -14.33 -4.83 0.85
CA ILE A 223 -15.50 -5.52 0.32
C ILE A 223 -16.58 -4.51 -0.06
N VAL A 224 -16.78 -3.50 0.77
CA VAL A 224 -17.86 -2.54 0.58
C VAL A 224 -17.53 -1.56 -0.54
N ALA A 225 -16.24 -1.31 -0.78
CA ALA A 225 -15.74 -0.26 -1.68
C ALA A 225 -16.46 -0.26 -3.02
N GLY A 226 -17.10 0.87 -3.32
CA GLY A 226 -17.89 1.00 -4.52
C GLY A 226 -19.35 0.71 -4.36
N HIS A 227 -19.84 0.57 -3.12
CA HIS A 227 -21.25 0.26 -2.89
C HIS A 227 -21.85 1.09 -1.76
N GLU A 228 -21.10 2.05 -1.20
CA GLU A 228 -21.64 2.85 -0.11
C GLU A 228 -22.87 3.65 -0.55
N ARG A 229 -22.96 3.98 -1.84
CA ARG A 229 -24.17 4.63 -2.35
C ARG A 229 -25.40 3.77 -2.13
N ALA A 230 -25.32 2.47 -2.44
CA ALA A 230 -26.48 1.62 -2.27
C ALA A 230 -26.80 1.29 -0.81
N ILE A 231 -26.07 1.86 0.15
CA ILE A 231 -26.23 1.55 1.57
C ILE A 231 -26.87 2.75 2.26
N ALA A 232 -28.01 2.50 2.93
CA ALA A 232 -28.88 3.55 3.43
C ALA A 232 -28.37 4.25 4.68
N CYS A 233 -27.28 3.81 5.30
CA CYS A 233 -26.75 4.41 6.51
C CYS A 233 -25.25 4.60 6.38
N PRO A 234 -24.65 5.47 7.19
CA PRO A 234 -23.21 5.69 7.09
C PRO A 234 -22.42 4.46 7.49
N MET A 235 -21.38 4.16 6.73
CA MET A 235 -20.42 3.11 7.06
C MET A 235 -19.19 3.78 7.66
N ILE A 236 -18.82 3.38 8.87
CA ILE A 236 -17.69 3.98 9.57
C ILE A 236 -16.45 3.12 9.28
N ASP A 237 -15.46 3.72 8.62
CA ASP A 237 -14.31 3.00 8.09
C ASP A 237 -13.21 3.02 9.15
N SER A 238 -12.95 1.87 9.77
CA SER A 238 -11.96 1.83 10.86
C SER A 238 -10.57 2.12 10.35
N THR A 239 -10.24 1.66 9.14
CA THR A 239 -8.93 1.95 8.57
C THR A 239 -8.75 3.45 8.32
N ALA A 240 -9.74 4.06 7.67
CA ALA A 240 -9.68 5.50 7.40
C ALA A 240 -9.63 6.30 8.69
N SER A 241 -10.39 5.87 9.71
CA SER A 241 -10.39 6.57 10.99
C SER A 241 -9.00 6.55 11.60
N LEU A 242 -8.31 5.42 11.50
CA LEU A 242 -6.96 5.31 12.03
C LEU A 242 -5.97 6.20 11.27
N VAL A 243 -6.05 6.17 9.93
CA VAL A 243 -5.24 7.06 9.09
C VAL A 243 -5.46 8.51 9.48
N ARG A 244 -6.73 8.94 9.59
CA ARG A 244 -6.99 10.34 9.95
C ARG A 244 -6.37 10.67 11.30
N ALA A 245 -6.48 9.76 12.26
CA ALA A 245 -5.89 9.97 13.58
C ALA A 245 -4.37 10.13 13.50
N ALA A 246 -3.71 9.29 12.68
CA ALA A 246 -2.26 9.36 12.53
C ALA A 246 -1.84 10.66 11.84
N ILE A 247 -2.59 11.08 10.82
CA ILE A 247 -2.29 12.33 10.14
C ILE A 247 -2.37 13.50 11.11
N ARG A 248 -3.41 13.52 11.94
CA ARG A 248 -3.51 14.57 12.95
C ARG A 248 -2.32 14.55 13.89
N TRP A 249 -1.87 13.36 14.29
CA TRP A 249 -0.68 13.27 15.13
C TRP A 249 0.54 13.86 14.42
N TYR A 250 0.74 13.48 13.16
CA TYR A 250 1.86 14.02 12.40
C TYR A 250 1.76 15.54 12.29
N GLU A 251 0.58 16.05 11.94
CA GLU A 251 0.45 17.48 11.68
C GLU A 251 0.49 18.33 12.95
N SER A 252 0.48 17.74 14.12
N SER A 252 0.48 17.74 14.12
CA SER A 252 0.44 18.51 15.35
CA SER A 252 0.44 18.50 15.37
C SER A 252 1.82 18.99 15.81
C SER A 252 1.82 18.93 15.86
N TRP A 253 2.90 18.49 15.21
CA TRP A 253 4.23 18.89 15.63
C TRP A 253 4.54 20.32 15.17
N PRO A 254 5.31 21.06 15.95
CA PRO A 254 5.61 22.45 15.57
C PRO A 254 6.45 22.57 14.30
N ASP A 255 7.22 21.53 13.95
CA ASP A 255 8.11 21.59 12.80
C ASP A 255 7.61 20.77 11.61
N THR A 256 6.30 20.50 11.55
CA THR A 256 5.69 19.84 10.41
C THR A 256 4.65 20.74 9.77
N ARG A 257 4.39 20.51 8.50
CA ARG A 257 3.26 21.12 7.80
C ARG A 257 2.37 20.02 7.23
N TYR B 19 14.49 -9.67 15.10
CA TYR B 19 13.75 -9.68 13.84
C TYR B 19 14.65 -9.85 12.63
N PHE B 20 15.85 -9.29 12.69
CA PHE B 20 16.69 -9.18 11.50
C PHE B 20 17.01 -10.55 10.92
N GLN B 21 17.53 -11.46 11.76
CA GLN B 21 17.98 -12.75 11.24
C GLN B 21 16.80 -13.59 10.73
N SER B 22 15.67 -13.56 11.44
CA SER B 22 14.52 -14.37 11.01
C SER B 22 13.81 -13.72 9.83
N ASN B 23 13.79 -12.39 9.75
CA ASN B 23 13.31 -11.71 8.54
C ASN B 23 14.16 -12.07 7.34
N ALA B 24 15.48 -12.12 7.51
CA ALA B 24 16.38 -12.50 6.42
C ALA B 24 16.19 -13.95 6.02
N MET B 25 16.06 -14.85 7.00
CA MET B 25 15.80 -16.26 6.68
C MET B 25 14.52 -16.41 5.86
N LYS B 26 13.53 -15.56 6.10
CA LYS B 26 12.23 -15.63 5.43
C LYS B 26 12.22 -14.96 4.05
N HIS B 27 13.36 -14.48 3.56
CA HIS B 27 13.47 -13.90 2.22
C HIS B 27 12.63 -12.62 2.08
N THR B 28 12.67 -11.77 3.10
CA THR B 28 11.85 -10.57 3.11
C THR B 28 12.24 -9.63 1.97
N ILE B 29 11.24 -9.05 1.31
CA ILE B 29 11.47 -8.11 0.21
C ILE B 29 11.31 -6.70 0.76
N GLY B 30 12.24 -5.80 0.43
CA GLY B 30 12.14 -4.41 0.81
C GLY B 30 11.72 -3.57 -0.37
N ILE B 31 10.73 -2.71 -0.16
CA ILE B 31 10.25 -1.80 -1.19
C ILE B 31 10.79 -0.42 -0.88
N LEU B 32 11.66 0.08 -1.75
N LEU B 32 11.68 0.06 -1.74
CA LEU B 32 12.26 1.40 -1.64
CA LEU B 32 12.26 1.41 -1.63
C LEU B 32 11.38 2.35 -2.45
C LEU B 32 11.37 2.33 -2.46
N GLY B 33 10.35 2.88 -1.82
CA GLY B 33 9.31 3.59 -2.53
C GLY B 33 9.15 5.02 -2.08
N GLY B 34 7.91 5.49 -2.01
CA GLY B 34 7.68 6.89 -1.76
C GLY B 34 7.88 7.77 -2.96
N MET B 35 7.99 7.18 -4.15
CA MET B 35 8.32 7.91 -5.37
C MET B 35 7.37 7.67 -6.56
N GLY B 36 6.11 8.08 -6.46
CA GLY B 36 5.53 8.67 -5.27
C GLY B 36 4.77 7.68 -4.41
N PRO B 37 4.10 8.17 -3.36
CA PRO B 37 3.42 7.25 -2.44
C PRO B 37 2.24 6.48 -3.04
N ALA B 38 1.50 7.07 -4.00
CA ALA B 38 0.40 6.32 -4.61
C ALA B 38 0.92 5.13 -5.40
N ALA B 39 2.03 5.33 -6.12
CA ALA B 39 2.66 4.23 -6.87
C ALA B 39 3.14 3.14 -5.94
N THR B 40 3.66 3.51 -4.77
CA THR B 40 4.08 2.51 -3.78
C THR B 40 2.89 1.72 -3.27
N ALA B 41 1.79 2.40 -2.94
CA ALA B 41 0.57 1.70 -2.52
C ALA B 41 0.10 0.77 -3.63
N ASP B 42 0.16 1.23 -4.88
CA ASP B 42 -0.21 0.39 -6.01
C ASP B 42 0.66 -0.85 -6.09
N MET B 43 1.97 -0.70 -5.82
CA MET B 43 2.83 -1.88 -5.81
C MET B 43 2.39 -2.90 -4.76
N LEU B 44 2.04 -2.43 -3.55
CA LEU B 44 1.59 -3.34 -2.51
C LEU B 44 0.33 -4.09 -2.93
N GLU B 45 -0.63 -3.39 -3.54
N GLU B 45 -0.63 -3.39 -3.54
CA GLU B 45 -1.83 -4.06 -4.05
CA GLU B 45 -1.83 -4.04 -4.05
C GLU B 45 -1.47 -5.13 -5.06
C GLU B 45 -1.49 -5.12 -5.07
N LYS B 46 -0.49 -4.86 -5.91
CA LYS B 46 -0.11 -5.83 -6.92
C LYS B 46 0.65 -7.02 -6.33
N PHE B 47 1.39 -6.84 -5.24
CA PHE B 47 1.97 -7.98 -4.57
C PHE B 47 0.89 -8.91 -4.05
N VAL B 48 -0.24 -8.34 -3.58
CA VAL B 48 -1.34 -9.17 -3.12
C VAL B 48 -2.00 -9.86 -4.31
N GLU B 49 -2.25 -9.12 -5.38
N GLU B 49 -2.20 -9.12 -5.40
CA GLU B 49 -2.96 -9.69 -6.52
CA GLU B 49 -2.97 -9.63 -6.53
C GLU B 49 -2.17 -10.79 -7.18
C GLU B 49 -2.20 -10.68 -7.33
N LEU B 50 -0.87 -10.57 -7.38
CA LEU B 50 -0.05 -11.43 -8.22
C LEU B 50 0.55 -12.64 -7.52
N ARG B 51 0.54 -12.67 -6.19
CA ARG B 51 1.01 -13.83 -5.44
C ARG B 51 -0.16 -14.76 -5.13
N HIS B 52 0.00 -16.05 -5.46
CA HIS B 52 -1.01 -17.04 -5.14
C HIS B 52 -0.89 -17.35 -3.65
N ALA B 53 -1.97 -17.14 -2.90
CA ALA B 53 -1.93 -17.34 -1.46
C ALA B 53 -3.26 -17.90 -0.97
N SER B 54 -3.18 -18.93 -0.11
CA SER B 54 -4.36 -19.55 0.48
C SER B 54 -4.94 -18.75 1.63
N CYS B 55 -4.26 -17.69 2.08
CA CYS B 55 -4.54 -17.06 3.37
C CYS B 55 -3.53 -15.94 3.55
N ASP B 56 -3.78 -15.10 4.57
CA ASP B 56 -2.84 -14.05 4.96
C ASP B 56 -1.42 -14.59 5.00
N GLN B 57 -1.23 -15.75 5.66
CA GLN B 57 0.10 -16.22 6.03
C GLN B 57 0.92 -16.72 4.84
N GLN B 58 0.31 -16.94 3.68
CA GLN B 58 1.05 -17.36 2.50
C GLN B 58 1.43 -16.20 1.60
N HIS B 59 1.19 -14.97 2.00
CA HIS B 59 1.59 -13.84 1.17
C HIS B 59 3.07 -13.51 1.40
N ILE B 60 3.62 -12.66 0.52
CA ILE B 60 5.05 -12.31 0.53
C ILE B 60 5.35 -11.43 1.75
N PRO B 61 6.43 -11.71 2.50
CA PRO B 61 6.84 -10.77 3.55
C PRO B 61 7.48 -9.52 2.95
N LEU B 62 6.93 -8.36 3.31
CA LEU B 62 7.34 -7.09 2.73
C LEU B 62 7.60 -6.04 3.81
N ILE B 63 8.68 -5.28 3.65
CA ILE B 63 8.96 -4.07 4.41
C ILE B 63 9.01 -2.92 3.42
N VAL B 64 8.30 -1.84 3.71
CA VAL B 64 8.14 -0.75 2.76
C VAL B 64 8.70 0.54 3.35
N SER B 65 9.56 1.21 2.57
CA SER B 65 9.94 2.59 2.82
C SER B 65 9.08 3.47 1.92
N SER B 66 8.09 4.14 2.51
CA SER B 66 7.34 5.17 1.80
C SER B 66 7.62 6.50 2.49
N ILE B 67 8.89 6.89 2.48
CA ILE B 67 9.35 8.17 3.02
C ILE B 67 9.57 9.07 1.82
N PRO B 68 8.62 9.94 1.49
CA PRO B 68 8.64 10.63 0.19
C PRO B 68 9.41 11.94 0.16
N ASP B 69 10.20 12.27 1.19
CA ASP B 69 11.00 13.49 1.13
C ASP B 69 12.17 13.38 0.16
N ILE B 70 12.38 12.22 -0.44
CA ILE B 70 13.36 12.02 -1.52
C ILE B 70 13.17 13.14 -2.56
N PRO B 71 14.21 13.93 -2.86
CA PRO B 71 14.05 15.01 -3.83
C PRO B 71 13.55 14.53 -5.18
N ASP B 72 12.80 15.42 -5.84
CA ASP B 72 12.27 15.15 -7.17
C ASP B 72 13.37 14.68 -8.11
N ARG B 73 13.11 13.56 -8.80
CA ARG B 73 14.16 12.93 -9.60
C ARG B 73 14.43 13.70 -10.88
N THR B 74 13.37 14.18 -11.56
CA THR B 74 13.58 14.94 -12.79
C THR B 74 14.15 16.33 -12.49
N ALA B 75 13.74 16.94 -11.37
CA ALA B 75 14.33 18.22 -10.98
C ALA B 75 15.83 18.10 -10.79
N CYS B 76 16.28 16.98 -10.25
CA CYS B 76 17.72 16.77 -10.11
C CYS B 76 18.39 16.59 -11.46
N LEU B 77 17.86 15.66 -12.28
CA LEU B 77 18.57 15.25 -13.48
C LEU B 77 18.51 16.30 -14.58
N LEU B 78 17.45 17.09 -14.65
CA LEU B 78 17.27 18.04 -15.73
C LEU B 78 17.24 19.50 -15.30
N SER B 79 17.19 19.80 -14.00
CA SER B 79 17.08 21.19 -13.56
C SER B 79 18.06 21.51 -12.43
N GLY B 80 19.06 20.67 -12.20
CA GLY B 80 20.06 20.99 -11.20
C GLY B 80 19.59 20.99 -9.76
N GLY B 81 18.48 20.31 -9.47
CA GLY B 81 17.99 20.22 -8.12
C GLY B 81 18.85 19.31 -7.26
N PRO B 82 18.56 19.29 -5.97
CA PRO B 82 19.29 18.40 -5.06
C PRO B 82 19.15 16.94 -5.44
N SER B 83 20.23 16.18 -5.22
CA SER B 83 20.23 14.79 -5.65
C SER B 83 19.48 13.90 -4.64
N PRO B 84 18.66 12.97 -5.13
CA PRO B 84 18.03 12.00 -4.23
C PRO B 84 18.93 10.86 -3.79
N TYR B 85 20.15 10.77 -4.31
CA TYR B 85 20.95 9.56 -4.09
C TYR B 85 21.13 9.26 -2.61
N ARG B 86 21.57 10.23 -1.82
CA ARG B 86 21.88 9.96 -0.42
C ARG B 86 20.62 9.55 0.34
N TYR B 87 19.45 10.05 -0.05
CA TYR B 87 18.19 9.59 0.54
C TYR B 87 17.95 8.13 0.19
N LEU B 88 18.07 7.80 -1.09
CA LEU B 88 17.92 6.41 -1.55
C LEU B 88 18.87 5.49 -0.80
N GLU B 89 20.12 5.90 -0.65
CA GLU B 89 21.10 5.08 0.03
C GLU B 89 20.72 4.85 1.49
N ARG B 90 20.27 5.90 2.17
N ARG B 90 20.24 5.88 2.17
CA ARG B 90 19.90 5.79 3.57
CA ARG B 90 19.92 5.73 3.59
C ARG B 90 18.73 4.83 3.75
C ARG B 90 18.70 4.84 3.80
N TYR B 91 17.69 4.96 2.92
CA TYR B 91 16.51 4.13 3.08
C TYR B 91 16.79 2.71 2.61
N LEU B 92 17.67 2.53 1.64
CA LEU B 92 18.16 1.20 1.28
C LEU B 92 18.74 0.50 2.50
N HIS B 93 19.66 1.18 3.20
CA HIS B 93 20.29 0.57 4.35
C HIS B 93 19.29 0.35 5.47
N MET B 94 18.32 1.24 5.61
CA MET B 94 17.25 1.03 6.59
C MET B 94 16.51 -0.26 6.31
N LEU B 95 16.16 -0.50 5.04
CA LEU B 95 15.46 -1.72 4.68
C LEU B 95 16.30 -2.97 4.94
N GLU B 96 17.58 -2.92 4.54
CA GLU B 96 18.48 -4.03 4.80
C GLU B 96 18.61 -4.31 6.29
N ASP B 97 18.80 -3.24 7.09
CA ASP B 97 18.92 -3.40 8.53
C ASP B 97 17.65 -3.96 9.15
N ALA B 98 16.50 -3.73 8.53
CA ALA B 98 15.25 -4.32 8.97
C ALA B 98 15.12 -5.78 8.59
N GLY B 99 16.00 -6.29 7.74
CA GLY B 99 15.98 -7.69 7.35
C GLY B 99 15.61 -7.98 5.91
N ALA B 100 15.52 -6.97 5.05
CA ALA B 100 15.21 -7.19 3.64
C ALA B 100 16.38 -7.88 2.93
N GLU B 101 16.09 -8.96 2.20
N GLU B 101 16.07 -8.97 2.23
CA GLU B 101 17.11 -9.68 1.45
CA GLU B 101 17.02 -9.74 1.44
C GLU B 101 17.06 -9.38 -0.05
C GLU B 101 17.06 -9.34 -0.02
N CYS B 102 16.00 -8.72 -0.51
CA CYS B 102 15.88 -8.28 -1.89
C CYS B 102 15.17 -6.94 -1.87
N ILE B 103 15.62 -6.01 -2.71
CA ILE B 103 15.11 -4.64 -2.72
C ILE B 103 14.60 -4.31 -4.12
N VAL B 104 13.40 -3.75 -4.19
CA VAL B 104 12.80 -3.29 -5.44
C VAL B 104 12.40 -1.82 -5.27
N ILE B 105 12.50 -1.07 -6.36
CA ILE B 105 12.28 0.37 -6.36
C ILE B 105 11.16 0.70 -7.33
N PRO B 106 9.94 1.02 -6.82
CA PRO B 106 8.80 1.35 -7.71
C PRO B 106 8.86 2.79 -8.25
N CYS B 107 9.94 3.10 -8.96
CA CYS B 107 10.13 4.40 -9.59
C CYS B 107 11.12 4.22 -10.72
N ASN B 108 10.72 4.52 -11.96
CA ASN B 108 11.61 4.30 -13.09
C ASN B 108 12.77 5.32 -13.10
N THR B 109 12.47 6.61 -12.92
CA THR B 109 13.51 7.63 -12.98
C THR B 109 14.62 7.35 -11.96
N ALA B 110 14.26 6.82 -10.79
CA ALA B 110 15.25 6.50 -9.76
C ALA B 110 16.27 5.46 -10.20
N HIS B 111 16.02 4.74 -11.29
CA HIS B 111 16.98 3.75 -11.74
C HIS B 111 18.17 4.36 -12.45
N TYR B 112 18.18 5.68 -12.63
CA TYR B 112 19.44 6.36 -12.95
C TYR B 112 20.52 5.99 -11.94
N TRP B 113 20.13 5.80 -10.67
CA TRP B 113 21.08 5.46 -9.61
C TRP B 113 21.08 3.98 -9.28
N PHE B 114 20.46 3.14 -10.11
CA PHE B 114 20.34 1.72 -9.77
C PHE B 114 21.70 1.06 -9.60
N ASP B 115 22.61 1.26 -10.56
CA ASP B 115 23.91 0.62 -10.47
C ASP B 115 24.67 1.11 -9.23
N ASP B 116 24.53 2.40 -8.91
CA ASP B 116 25.18 2.95 -7.72
C ASP B 116 24.65 2.30 -6.46
N LEU B 117 23.33 2.15 -6.35
CA LEU B 117 22.74 1.55 -5.16
C LEU B 117 23.10 0.07 -5.08
N GLN B 118 23.11 -0.62 -6.22
CA GLN B 118 23.47 -2.04 -6.23
C GLN B 118 24.86 -2.28 -5.66
N ASN B 119 25.80 -1.38 -5.95
CA ASN B 119 27.17 -1.60 -5.49
C ASN B 119 27.26 -1.52 -3.96
N VAL B 120 26.47 -0.62 -3.35
CA VAL B 120 26.53 -0.47 -1.90
C VAL B 120 25.59 -1.43 -1.18
N ALA B 121 24.69 -2.09 -1.91
CA ALA B 121 23.70 -2.97 -1.32
C ALA B 121 24.27 -4.36 -1.02
N LYS B 122 23.94 -4.88 0.15
CA LYS B 122 24.15 -6.30 0.43
C LYS B 122 22.98 -7.16 -0.04
N ALA B 123 21.76 -6.63 0.00
CA ALA B 123 20.62 -7.34 -0.53
C ALA B 123 20.67 -7.38 -2.05
N ARG B 124 19.95 -8.35 -2.62
CA ARG B 124 19.73 -8.40 -4.05
C ARG B 124 18.85 -7.25 -4.49
N MET B 125 19.15 -6.65 -5.64
CA MET B 125 18.27 -5.66 -6.27
C MET B 125 17.85 -6.12 -7.65
N ILE B 126 16.57 -5.89 -7.97
CA ILE B 126 15.98 -6.27 -9.25
C ILE B 126 15.55 -4.99 -9.95
N SER B 127 15.99 -4.81 -11.19
CA SER B 127 15.75 -3.59 -11.95
C SER B 127 14.37 -3.57 -12.56
N ILE B 128 13.65 -2.45 -12.37
CA ILE B 128 12.35 -2.28 -13.03
C ILE B 128 12.50 -2.27 -14.55
N LEU B 129 13.63 -1.78 -15.06
CA LEU B 129 13.81 -1.67 -16.50
C LEU B 129 13.89 -3.05 -17.17
N ASP B 130 14.76 -3.93 -16.65
CA ASP B 130 14.85 -5.28 -17.21
C ASP B 130 13.55 -6.04 -17.08
N ALA B 131 12.90 -5.94 -15.90
CA ALA B 131 11.64 -6.65 -15.71
C ALA B 131 10.60 -6.19 -16.72
N THR B 132 10.51 -4.89 -16.95
CA THR B 132 9.49 -4.35 -17.83
C THR B 132 9.73 -4.75 -19.28
N LEU B 133 10.96 -4.59 -19.77
CA LEU B 133 11.27 -4.98 -21.14
C LEU B 133 11.07 -6.48 -21.35
N GLY B 134 11.32 -7.29 -20.34
CA GLY B 134 11.13 -8.72 -20.47
C GLY B 134 9.68 -9.15 -20.61
N ASP B 135 8.75 -8.28 -20.23
CA ASP B 135 7.32 -8.59 -20.30
C ASP B 135 6.65 -8.01 -21.56
N ILE B 136 7.42 -7.54 -22.53
CA ILE B 136 6.87 -7.11 -23.81
C ILE B 136 6.73 -8.33 -24.72
N PRO B 137 5.57 -8.55 -25.35
CA PRO B 137 5.45 -9.69 -26.27
C PRO B 137 6.53 -9.63 -27.33
N PRO B 138 7.10 -10.78 -27.71
CA PRO B 138 8.21 -10.75 -28.69
C PRO B 138 7.83 -10.13 -30.02
N SER B 139 6.57 -10.19 -30.42
CA SER B 139 6.16 -9.61 -31.68
C SER B 139 6.09 -8.09 -31.64
N ALA B 140 6.10 -7.48 -30.46
CA ALA B 140 5.99 -6.03 -30.34
C ALA B 140 7.39 -5.44 -30.41
N ARG B 141 7.78 -4.99 -31.60
CA ARG B 141 9.11 -4.45 -31.84
C ARG B 141 9.15 -2.94 -31.89
N HIS B 142 8.05 -2.29 -32.24
CA HIS B 142 7.94 -0.84 -32.22
C HIS B 142 7.05 -0.49 -31.04
N VAL B 143 7.64 0.12 -30.01
CA VAL B 143 7.04 0.19 -28.69
C VAL B 143 7.03 1.63 -28.23
N GLY B 144 5.85 2.14 -27.86
CA GLY B 144 5.78 3.44 -27.26
C GLY B 144 6.33 3.43 -25.84
N LEU B 145 6.76 4.61 -25.39
CA LEU B 145 7.29 4.76 -24.04
C LEU B 145 6.65 5.98 -23.39
N LEU B 146 5.90 5.76 -22.30
CA LEU B 146 5.39 6.83 -21.45
C LEU B 146 6.24 6.89 -20.19
N ALA B 147 6.94 8.01 -20.00
CA ALA B 147 7.88 8.13 -18.89
C ALA B 147 8.10 9.61 -18.60
N THR B 148 8.80 9.87 -17.50
CA THR B 148 9.17 11.23 -17.14
C THR B 148 10.22 11.79 -18.10
N ASN B 149 10.31 13.12 -18.15
CA ASN B 149 11.31 13.78 -18.98
C ASN B 149 12.71 13.23 -18.73
N ALA B 150 13.06 12.98 -17.47
CA ALA B 150 14.42 12.56 -17.15
C ALA B 150 14.67 11.11 -17.54
N THR B 151 13.66 10.25 -17.41
CA THR B 151 13.82 8.87 -17.85
C THR B 151 14.12 8.81 -19.34
N LEU B 152 13.42 9.63 -20.12
CA LEU B 152 13.68 9.72 -21.57
C LEU B 152 15.03 10.36 -21.86
N ALA B 153 15.34 11.48 -21.18
CA ALA B 153 16.52 12.26 -21.52
C ALA B 153 17.80 11.53 -21.14
N THR B 154 17.80 10.80 -20.03
CA THR B 154 18.97 10.03 -19.66
C THR B 154 18.99 8.65 -20.31
N GLY B 155 17.98 8.32 -21.11
CA GLY B 155 17.96 7.10 -21.89
C GLY B 155 17.97 5.83 -21.07
N LEU B 156 17.22 5.81 -19.96
CA LEU B 156 17.28 4.65 -19.06
C LEU B 156 16.88 3.37 -19.80
N TYR B 157 15.86 3.44 -20.65
CA TYR B 157 15.40 2.27 -21.40
C TYR B 157 16.15 2.05 -22.69
N GLN B 158 16.98 3.01 -23.12
CA GLN B 158 17.46 3.03 -24.49
C GLN B 158 18.47 1.92 -24.76
N LYS B 159 19.54 1.85 -23.95
CA LYS B 159 20.55 0.84 -24.21
C LYS B 159 19.95 -0.56 -24.11
N LYS B 160 19.05 -0.78 -23.15
CA LYS B 160 18.49 -2.10 -22.94
C LYS B 160 17.51 -2.47 -24.06
N ALA B 161 16.73 -1.49 -24.53
CA ALA B 161 15.82 -1.74 -25.64
C ALA B 161 16.58 -2.08 -26.93
N LEU B 162 17.65 -1.32 -27.21
CA LEU B 162 18.45 -1.60 -28.40
C LEU B 162 18.99 -3.02 -28.39
N ALA B 163 19.46 -3.49 -27.23
CA ALA B 163 20.04 -4.83 -27.14
C ALA B 163 19.02 -5.91 -27.43
N ARG B 164 17.77 -5.68 -27.09
CA ARG B 164 16.71 -6.64 -27.34
C ARG B 164 16.11 -6.50 -28.74
N GLY B 165 16.66 -5.61 -29.57
CA GLY B 165 16.11 -5.42 -30.90
C GLY B 165 14.83 -4.62 -30.95
N LEU B 166 14.57 -3.78 -29.96
CA LEU B 166 13.37 -2.96 -29.92
C LEU B 166 13.66 -1.55 -30.43
N THR B 167 12.59 -0.90 -30.91
CA THR B 167 12.61 0.49 -31.34
C THR B 167 11.58 1.24 -30.51
N LEU B 168 12.05 2.20 -29.72
CA LEU B 168 11.20 2.97 -28.84
C LEU B 168 10.65 4.21 -29.56
N ILE B 169 9.38 4.49 -29.33
CA ILE B 169 8.70 5.68 -29.85
C ILE B 169 8.32 6.51 -28.65
N GLN B 170 8.76 7.76 -28.60
CA GLN B 170 8.34 8.62 -27.51
C GLN B 170 7.51 9.77 -28.04
N PRO B 171 6.66 10.38 -27.21
CA PRO B 171 5.84 11.50 -27.68
C PRO B 171 6.70 12.69 -28.11
N GLU B 172 6.11 13.51 -28.98
CA GLU B 172 6.76 14.74 -29.39
C GLU B 172 6.80 15.73 -28.24
N ASP B 173 7.54 16.83 -28.44
CA ASP B 173 7.79 17.80 -27.38
C ASP B 173 6.50 18.32 -26.76
N ALA B 174 5.55 18.75 -27.59
CA ALA B 174 4.25 19.18 -27.08
C ALA B 174 3.55 18.05 -26.31
N GLY B 175 3.56 16.84 -26.89
CA GLY B 175 2.87 15.73 -26.23
C GLY B 175 3.57 15.29 -24.96
N GLN B 176 4.91 15.28 -24.97
CA GLN B 176 5.63 14.86 -23.78
C GLN B 176 5.43 15.82 -22.62
N ALA B 177 5.27 17.12 -22.92
CA ALA B 177 4.91 18.06 -21.85
C ALA B 177 3.60 17.66 -21.20
N LEU B 178 2.64 17.18 -22.00
CA LEU B 178 1.34 16.78 -21.46
C LEU B 178 1.43 15.48 -20.67
N VAL B 179 2.29 14.55 -21.07
CA VAL B 179 2.53 13.33 -20.29
C VAL B 179 3.12 13.69 -18.94
N MET B 180 4.10 14.60 -18.91
CA MET B 180 4.66 15.05 -17.64
C MET B 180 3.60 15.70 -16.77
N GLN B 181 2.76 16.53 -17.38
CA GLN B 181 1.67 17.16 -16.63
C GLN B 181 0.74 16.10 -16.05
N ALA B 182 0.41 15.08 -16.83
CA ALA B 182 -0.45 14.00 -16.32
C ALA B 182 0.16 13.34 -15.09
N ILE B 183 1.44 12.98 -15.17
CA ILE B 183 2.12 12.33 -14.05
C ILE B 183 2.05 13.20 -12.81
N TYR B 184 2.38 14.48 -12.94
CA TYR B 184 2.40 15.34 -11.77
C TYR B 184 1.01 15.71 -11.29
N THR B 185 0.00 15.69 -12.18
CA THR B 185 -1.39 15.83 -11.76
C THR B 185 -1.83 14.63 -10.94
N LEU B 186 -1.41 13.42 -11.35
CA LEU B 186 -1.64 12.25 -10.53
C LEU B 186 -0.92 12.39 -9.19
N LYS B 187 0.35 12.81 -9.22
CA LYS B 187 1.08 13.01 -7.97
C LYS B 187 0.40 14.05 -7.07
N ARG B 188 -0.35 14.98 -7.65
CA ARG B 188 -1.12 15.95 -6.87
C ARG B 188 -2.46 15.40 -6.37
N GLY B 189 -2.90 14.24 -6.84
CA GLY B 189 -4.09 13.60 -6.33
C GLY B 189 -5.35 13.71 -7.19
N ASP B 190 -5.24 14.14 -8.44
CA ASP B 190 -6.39 14.31 -9.32
C ASP B 190 -6.28 13.34 -10.50
N LYS B 191 -6.77 12.12 -10.31
CA LYS B 191 -6.71 11.10 -11.34
C LYS B 191 -7.55 11.47 -12.56
N THR B 192 -8.74 12.04 -12.36
CA THR B 192 -9.60 12.37 -13.51
C THR B 192 -8.92 13.37 -14.44
N ALA B 193 -8.29 14.40 -13.87
CA ALA B 193 -7.56 15.36 -14.69
C ALA B 193 -6.38 14.70 -15.39
N ALA B 194 -5.66 13.83 -14.68
CA ALA B 194 -4.53 13.14 -15.29
C ALA B 194 -4.97 12.29 -16.48
N GLN B 195 -6.11 11.60 -16.35
CA GLN B 195 -6.59 10.77 -17.44
C GLN B 195 -6.91 11.58 -18.68
N ALA B 196 -7.58 12.73 -18.51
CA ALA B 196 -7.90 13.56 -19.67
C ALA B 196 -6.63 14.05 -20.35
N LEU B 197 -5.55 14.25 -19.59
CA LEU B 197 -4.28 14.65 -20.17
C LEU B 197 -3.59 13.51 -20.88
N LEU B 198 -3.60 12.32 -20.29
CA LEU B 198 -2.79 11.23 -20.79
C LEU B 198 -3.41 10.53 -22.00
N LEU B 199 -4.73 10.34 -22.00
CA LEU B 199 -5.32 9.43 -22.98
C LEU B 199 -5.10 9.87 -24.42
N PRO B 200 -5.20 11.15 -24.79
CA PRO B 200 -4.85 11.52 -26.18
C PRO B 200 -3.40 11.21 -26.55
N GLN B 201 -2.49 11.18 -25.57
CA GLN B 201 -1.10 10.83 -25.87
C GLN B 201 -0.95 9.34 -26.15
N ILE B 202 -1.76 8.50 -25.49
CA ILE B 202 -1.77 7.07 -25.82
C ILE B 202 -2.31 6.85 -27.22
N ASP B 203 -3.37 7.56 -27.59
CA ASP B 203 -3.91 7.44 -28.94
C ASP B 203 -2.89 7.90 -29.98
N SER B 204 -2.12 8.93 -29.67
CA SER B 204 -1.11 9.43 -30.59
C SER B 204 -0.01 8.40 -30.80
N LEU B 205 0.43 7.75 -29.71
CA LEU B 205 1.44 6.69 -29.84
C LEU B 205 0.94 5.55 -30.70
N ILE B 206 -0.32 5.14 -30.51
CA ILE B 206 -0.89 4.09 -31.36
C ILE B 206 -0.95 4.56 -32.80
N ALA B 207 -1.40 5.80 -33.03
CA ALA B 207 -1.52 6.32 -34.38
C ALA B 207 -0.17 6.36 -35.08
N ARG B 208 0.90 6.57 -34.33
CA ARG B 208 2.25 6.51 -34.89
C ARG B 208 2.79 5.09 -34.97
N GLY B 209 2.00 4.08 -34.62
CA GLY B 209 2.36 2.71 -34.88
C GLY B 209 2.93 1.92 -33.73
N ALA B 210 2.70 2.35 -32.49
CA ALA B 210 3.15 1.57 -31.34
C ALA B 210 2.45 0.21 -31.34
N GLN B 211 3.24 -0.87 -31.29
CA GLN B 211 2.70 -2.21 -31.14
C GLN B 211 2.41 -2.57 -29.70
N ALA B 212 3.05 -1.85 -28.76
CA ALA B 212 2.81 -1.92 -27.33
C ALA B 212 3.26 -0.58 -26.78
N ILE B 213 2.80 -0.28 -25.57
CA ILE B 213 3.20 0.97 -24.91
C ILE B 213 3.71 0.63 -23.52
N ILE B 214 4.96 0.98 -23.25
CA ILE B 214 5.54 0.82 -21.92
C ILE B 214 4.99 1.92 -21.02
N MET B 215 4.35 1.53 -19.92
CA MET B 215 4.00 2.47 -18.85
C MET B 215 5.24 2.56 -17.97
N GLY B 216 6.16 3.43 -18.37
CA GLY B 216 7.50 3.51 -17.82
C GLY B 216 7.67 4.60 -16.79
N CYS B 217 6.57 4.96 -16.14
CA CYS B 217 6.55 5.75 -14.92
C CYS B 217 5.47 5.14 -14.05
N THR B 218 5.78 4.87 -12.78
CA THR B 218 4.88 4.06 -11.96
C THR B 218 3.59 4.80 -11.59
N GLU B 219 3.45 6.09 -11.91
CA GLU B 219 2.14 6.74 -11.82
C GLU B 219 1.25 6.43 -13.01
N ILE B 220 1.85 6.03 -14.14
CA ILE B 220 1.05 5.83 -15.36
C ILE B 220 0.03 4.71 -15.19
N PRO B 221 0.35 3.54 -14.62
CA PRO B 221 -0.70 2.52 -14.41
C PRO B 221 -1.89 3.04 -13.61
N LEU B 222 -1.64 3.92 -12.64
N LEU B 222 -1.64 3.92 -12.63
CA LEU B 222 -2.74 4.47 -11.85
CA LEU B 222 -2.74 4.49 -11.84
C LEU B 222 -3.66 5.36 -12.67
C LEU B 222 -3.68 5.31 -12.72
N ILE B 223 -3.12 6.03 -13.69
CA ILE B 223 -3.95 6.88 -14.54
C ILE B 223 -4.75 6.04 -15.53
N VAL B 224 -4.13 4.99 -16.08
CA VAL B 224 -4.77 4.17 -17.11
C VAL B 224 -5.82 3.25 -16.51
N ALA B 225 -5.64 2.84 -15.26
CA ALA B 225 -6.49 1.86 -14.59
C ALA B 225 -7.97 2.14 -14.83
N GLY B 226 -8.68 1.14 -15.37
CA GLY B 226 -10.07 1.27 -15.75
C GLY B 226 -10.31 1.56 -17.22
N HIS B 227 -9.25 1.85 -17.99
CA HIS B 227 -9.37 2.21 -19.40
C HIS B 227 -8.56 1.31 -20.33
N GLU B 228 -8.02 0.19 -19.82
CA GLU B 228 -7.25 -0.70 -20.69
C GLU B 228 -8.11 -1.27 -21.81
N ARG B 229 -9.40 -1.51 -21.55
CA ARG B 229 -10.27 -2.01 -22.60
C ARG B 229 -10.44 -1.01 -23.74
N ALA B 230 -10.43 0.28 -23.44
CA ALA B 230 -10.59 1.31 -24.46
C ALA B 230 -9.32 1.55 -25.27
N ILE B 231 -8.23 0.83 -24.98
CA ILE B 231 -6.93 1.07 -25.58
C ILE B 231 -6.60 -0.09 -26.50
N ALA B 232 -6.32 0.23 -27.77
CA ALA B 232 -6.14 -0.80 -28.80
C ALA B 232 -4.99 -1.75 -28.47
N CYS B 233 -3.84 -1.22 -28.05
CA CYS B 233 -2.64 -2.03 -27.95
C CYS B 233 -2.35 -2.39 -26.49
N PRO B 234 -1.55 -3.42 -26.25
CA PRO B 234 -1.23 -3.78 -24.86
C PRO B 234 -0.40 -2.70 -24.19
N MET B 235 -0.67 -2.49 -22.91
CA MET B 235 0.05 -1.55 -22.07
C MET B 235 0.90 -2.34 -21.09
N ILE B 236 2.21 -2.13 -21.10
CA ILE B 236 3.12 -2.91 -20.26
C ILE B 236 3.31 -2.17 -18.95
N ASP B 237 2.94 -2.82 -17.84
CA ASP B 237 2.88 -2.19 -16.52
C ASP B 237 4.21 -2.39 -15.80
N SER B 238 5.03 -1.33 -15.72
CA SER B 238 6.36 -1.51 -15.15
C SER B 238 6.28 -1.92 -13.67
N THR B 239 5.30 -1.40 -12.93
CA THR B 239 5.13 -1.79 -11.53
C THR B 239 4.83 -3.28 -11.43
N ALA B 240 3.86 -3.77 -12.21
CA ALA B 240 3.50 -5.18 -12.17
C ALA B 240 4.65 -6.07 -12.63
N SER B 241 5.41 -5.60 -13.63
CA SER B 241 6.54 -6.37 -14.11
C SER B 241 7.57 -6.56 -13.01
N LEU B 242 7.83 -5.51 -12.25
CA LEU B 242 8.77 -5.58 -11.14
C LEU B 242 8.24 -6.48 -10.03
N VAL B 243 6.94 -6.35 -9.70
CA VAL B 243 6.33 -7.22 -8.71
C VAL B 243 6.48 -8.69 -9.12
N ARG B 244 6.14 -9.01 -10.37
CA ARG B 244 6.25 -10.39 -10.84
C ARG B 244 7.68 -10.90 -10.71
N ALA B 245 8.66 -10.07 -11.07
CA ALA B 245 10.06 -10.46 -10.95
C ALA B 245 10.44 -10.73 -9.49
N ALA B 246 9.97 -9.90 -8.56
CA ALA B 246 10.26 -10.10 -7.15
C ALA B 246 9.61 -11.36 -6.62
N ILE B 247 8.37 -11.66 -7.05
CA ILE B 247 7.73 -12.91 -6.62
C ILE B 247 8.51 -14.11 -7.13
N ARG B 248 8.99 -14.06 -8.38
CA ARG B 248 9.79 -15.17 -8.90
C ARG B 248 11.07 -15.35 -8.09
N TRP B 249 11.67 -14.25 -7.64
CA TRP B 249 12.83 -14.35 -6.77
C TRP B 249 12.45 -15.01 -5.45
N TYR B 250 11.36 -14.56 -4.85
CA TYR B 250 10.93 -15.11 -3.57
C TYR B 250 10.60 -16.59 -3.68
N GLU B 251 9.99 -17.00 -4.78
CA GLU B 251 9.52 -18.37 -4.93
C GLU B 251 10.61 -19.34 -5.37
N SER B 252 11.85 -18.86 -5.54
N SER B 252 11.85 -18.87 -5.52
CA SER B 252 12.93 -19.69 -6.02
CA SER B 252 12.94 -19.71 -5.99
C SER B 252 13.74 -20.33 -4.90
C SER B 252 13.74 -20.34 -4.86
N TRP B 253 13.38 -20.05 -3.61
CA TRP B 253 14.11 -20.61 -2.48
C TRP B 253 13.60 -22.01 -2.12
N PRO B 254 14.48 -22.88 -1.60
CA PRO B 254 14.07 -24.26 -1.33
C PRO B 254 12.88 -24.36 -0.38
N ASP B 255 12.77 -23.46 0.59
CA ASP B 255 11.63 -23.47 1.48
C ASP B 255 10.40 -22.82 0.85
N THR B 256 10.55 -22.13 -0.26
CA THR B 256 9.42 -21.54 -0.94
C THR B 256 9.28 -22.22 -2.30
K K C . -7.99 -7.33 9.49
S SO4 D . -7.93 -10.34 11.18
O1 SO4 D . -8.46 -11.66 10.77
O2 SO4 D . -7.32 -10.43 12.51
O3 SO4 D . -6.91 -9.88 10.24
O4 SO4 D . -9.05 -9.42 11.17
K K E . -4.66 13.74 -0.97
C1 GOL F . -14.16 11.90 7.80
O1 GOL F . -14.38 11.80 6.41
C2 GOL F . -15.32 11.29 8.59
O2 GOL F . -15.83 10.14 7.95
C3 GOL F . -14.82 10.89 9.98
O3 GOL F . -14.15 11.99 10.56
C FMT G . -7.40 -19.19 6.40
O1 FMT G . -6.59 -19.10 7.33
O2 FMT G . -8.43 -19.86 6.44
CL CL H . 3.51 -15.24 20.39
K K I . 7.30 7.26 -10.26
S SO4 J . 9.25 10.09 -10.64
O1 SO4 J . 8.74 9.22 -11.69
O2 SO4 J . 8.66 9.67 -9.36
O3 SO4 J . 10.71 10.03 -10.53
O4 SO4 J . 8.83 11.47 -10.90
F F K . 8.33 5.42 -12.18
C1 GOL L . 5.45 -20.91 -2.45
O1 GOL L . 6.33 -19.83 -2.20
C2 GOL L . 4.42 -21.03 -1.35
O2 GOL L . 3.23 -21.53 -1.90
C3 GOL L . 4.93 -21.99 -0.28
O3 GOL L . 4.28 -21.66 0.93
K K M . -3.56 -13.30 -5.22
#